data_3QH5
#
_entry.id   3QH5
#
_cell.length_a   92.686
_cell.length_b   92.686
_cell.length_c   128.764
_cell.angle_alpha   90.00
_cell.angle_beta   90.00
_cell.angle_gamma   120.00
#
_symmetry.space_group_name_H-M   'P 61 2 2'
#
loop_
_entity.id
_entity.type
_entity.pdbx_description
1 polymer Thermolysin
2 non-polymer 'CALCIUM ION'
3 non-polymer 'ZINC ION'
4 non-polymer 'methyl L-phenylalaninate'
5 non-polymer 'N-[(benzyloxy)carbonyl]-L-aspartic acid'
6 non-polymer 'TETRAETHYLENE GLYCOL'
7 non-polymer DI(HYDROXYETHYL)ETHER
8 water water
#
_entity_poly.entity_id   1
_entity_poly.type   'polypeptide(L)'
_entity_poly.pdbx_seq_one_letter_code
;ITGTSTVGVGRGVLGDQKNINTTYSTYYYLQDNTRGNGIFTYDAKYRTTLPGSLWADADNQFFASYDAPAVDAHYYAGVT
YDYYKNVHNRLSYDGNNAAIRSSVHYSQGYNNAFWNGSQMVYGDGDGQTFIPLSGGIDVVAHELTHAVTDYTAGLIYQNE
SGAINEAISDIFGTLVEFYANKNPDWEIGEDVYTPGISGDSLRSMSDPAKYGDPDHYSKRYTGTQDNGGVHINSGIINKA
AYLISQGGTHYGVSVVGIGRDKLGKIFYRALTQYLTPTSNFSQLRAAAVQSATDLYGSTSQEVASVKQAFDAVGVK
;
_entity_poly.pdbx_strand_id   A
#
# COMPACT_ATOMS: atom_id res chain seq x y z
N ILE A 1 14.20 -21.01 -6.35
CA ILE A 1 15.21 -22.03 -5.86
C ILE A 1 14.52 -23.24 -5.26
N THR A 2 15.04 -24.43 -5.55
CA THR A 2 14.66 -25.63 -4.81
C THR A 2 15.66 -25.80 -3.67
N GLY A 3 15.16 -25.70 -2.44
CA GLY A 3 16.06 -25.76 -1.31
C GLY A 3 15.29 -26.07 -0.06
N THR A 4 15.88 -25.73 1.08
N THR A 4 15.82 -25.70 1.08
CA THR A 4 15.22 -25.93 2.37
CA THR A 4 15.07 -25.93 2.27
C THR A 4 14.85 -24.56 2.99
C THR A 4 14.81 -24.58 2.92
N SER A 5 13.63 -24.45 3.47
CA SER A 5 13.16 -23.24 4.09
C SER A 5 13.88 -22.99 5.43
N THR A 6 14.35 -21.75 5.58
CA THR A 6 15.20 -21.33 6.68
CA THR A 6 15.01 -21.41 6.84
C THR A 6 14.66 -19.99 7.24
N VAL A 7 15.26 -19.54 8.33
CA VAL A 7 14.92 -18.26 8.91
C VAL A 7 16.18 -17.48 9.22
N GLY A 8 16.36 -16.38 8.48
CA GLY A 8 17.46 -15.49 8.67
C GLY A 8 17.07 -14.32 9.53
N VAL A 9 18.07 -13.49 9.85
CA VAL A 9 17.85 -12.34 10.70
C VAL A 9 18.59 -11.19 10.07
N GLY A 10 18.04 -9.99 10.24
CA GLY A 10 18.67 -8.81 9.70
C GLY A 10 18.10 -7.56 10.27
N ARG A 11 18.53 -6.45 9.70
CA ARG A 11 18.04 -5.14 10.12
CA ARG A 11 18.12 -5.15 10.11
C ARG A 11 17.50 -4.41 8.91
N GLY A 12 16.34 -3.77 9.11
CA GLY A 12 15.72 -3.00 8.06
C GLY A 12 16.28 -1.59 7.97
N VAL A 13 15.67 -0.81 7.11
CA VAL A 13 16.13 0.53 6.78
C VAL A 13 16.19 1.48 8.00
N LEU A 14 15.25 1.30 8.91
CA LEU A 14 15.16 2.14 10.09
CA LEU A 14 15.16 2.14 10.11
C LEU A 14 15.98 1.58 11.26
N GLY A 15 16.71 0.48 11.02
CA GLY A 15 17.61 -0.04 12.08
C GLY A 15 16.99 -1.07 13.03
N ASP A 16 15.81 -1.54 12.69
CA ASP A 16 15.09 -2.51 13.46
C ASP A 16 15.44 -3.94 13.04
N GLN A 17 15.61 -4.81 14.02
CA GLN A 17 15.99 -6.20 13.77
C GLN A 17 14.72 -7.01 13.53
N LYS A 18 14.75 -7.86 12.51
CA LYS A 18 13.62 -8.75 12.26
C LYS A 18 14.09 -10.05 11.63
N ASN A 19 13.31 -11.10 11.90
CA ASN A 19 13.49 -12.39 11.22
C ASN A 19 12.84 -12.39 9.87
N ILE A 20 13.48 -13.06 8.93
CA ILE A 20 12.95 -13.19 7.58
C ILE A 20 13.03 -14.63 7.10
N ASN A 21 12.01 -15.04 6.35
CA ASN A 21 11.96 -16.36 5.76
C ASN A 21 12.83 -16.43 4.53
N THR A 22 13.79 -17.34 4.56
CA THR A 22 14.73 -17.51 3.47
C THR A 22 14.73 -18.96 2.98
N THR A 23 15.53 -19.23 1.96
CA THR A 23 15.71 -20.56 1.40
C THR A 23 17.20 -20.85 1.24
N TYR A 24 17.62 -22.01 1.71
CA TYR A 24 19.01 -22.36 1.62
C TYR A 24 19.27 -23.39 0.52
N SER A 25 20.22 -23.08 -0.34
CA SER A 25 20.74 -24.04 -1.31
C SER A 25 22.06 -23.45 -1.77
N THR A 26 23.12 -23.82 -1.06
CA THR A 26 24.47 -23.26 -1.21
C THR A 26 24.55 -21.87 -0.59
N TYR A 27 23.76 -20.96 -1.13
CA TYR A 27 23.52 -19.65 -0.53
C TYR A 27 22.16 -19.63 0.18
N TYR A 28 21.97 -18.61 1.00
CA TYR A 28 20.67 -18.29 1.54
C TYR A 28 20.05 -17.22 0.65
N TYR A 29 18.82 -17.47 0.20
CA TYR A 29 18.12 -16.61 -0.72
C TYR A 29 16.95 -15.95 -0.05
N LEU A 30 16.64 -14.72 -0.47
CA LEU A 30 15.41 -14.06 -0.05
C LEU A 30 14.26 -14.64 -0.85
N GLN A 31 13.88 -15.84 -0.42
CA GLN A 31 12.78 -16.61 -0.97
C GLN A 31 12.02 -17.21 0.23
N ASP A 32 10.78 -16.76 0.41
CA ASP A 32 9.90 -17.12 1.53
C ASP A 32 8.95 -18.14 0.98
N ASN A 33 9.13 -19.41 1.37
CA ASN A 33 8.26 -20.48 0.85
C ASN A 33 7.00 -20.69 1.70
N THR A 34 6.84 -19.87 2.75
CA THR A 34 5.77 -20.10 3.72
C THR A 34 4.46 -19.43 3.31
N ARG A 35 4.51 -18.57 2.28
CA ARG A 35 3.36 -17.80 1.84
C ARG A 35 3.08 -18.03 0.36
N GLY A 36 1.95 -18.68 0.08
CA GLY A 36 1.53 -18.95 -1.29
C GLY A 36 2.56 -19.63 -2.12
N ASN A 37 2.76 -19.13 -3.34
CA ASN A 37 3.79 -19.68 -4.22
C ASN A 37 5.12 -18.96 -4.06
N GLY A 38 5.26 -18.26 -2.94
CA GLY A 38 6.52 -17.69 -2.57
C GLY A 38 6.54 -16.17 -2.63
N ILE A 39 7.40 -15.58 -1.78
CA ILE A 39 7.79 -14.18 -1.88
C ILE A 39 9.28 -14.15 -2.19
N PHE A 40 9.67 -13.36 -3.19
CA PHE A 40 11.02 -13.39 -3.76
C PHE A 40 11.49 -11.95 -3.84
N THR A 41 12.71 -11.70 -3.37
CA THR A 41 13.28 -10.36 -3.35
C THR A 41 14.59 -10.38 -4.12
N TYR A 42 14.74 -9.38 -4.99
CA TYR A 42 15.83 -9.31 -5.96
C TYR A 42 16.67 -8.04 -5.75
N ASP A 43 17.93 -8.14 -6.17
CA ASP A 43 18.87 -7.03 -6.19
C ASP A 43 18.93 -6.46 -7.61
N ALA A 44 18.47 -5.22 -7.77
CA ALA A 44 18.59 -4.51 -9.08
C ALA A 44 19.94 -3.84 -9.26
N LYS A 45 20.79 -3.84 -8.22
CA LYS A 45 22.21 -3.46 -8.35
C LYS A 45 22.43 -2.06 -8.93
N TYR A 46 21.54 -1.15 -8.57
CA TYR A 46 21.57 0.25 -8.97
C TYR A 46 21.24 0.46 -10.44
N ARG A 47 20.76 -0.58 -11.12
CA ARG A 47 20.36 -0.46 -12.51
C ARG A 47 18.85 -0.51 -12.64
N THR A 48 18.39 -0.48 -13.88
CA THR A 48 16.96 -0.40 -14.18
C THR A 48 16.48 -1.64 -14.93
N THR A 49 17.33 -2.64 -15.14
CA THR A 49 16.96 -3.93 -15.67
C THR A 49 16.25 -4.66 -14.55
N LEU A 50 15.09 -5.21 -14.83
CA LEU A 50 14.29 -5.93 -13.82
C LEU A 50 14.10 -7.40 -14.24
N PRO A 51 14.06 -8.31 -13.24
CA PRO A 51 14.06 -8.02 -11.79
C PRO A 51 15.44 -7.83 -11.19
N GLY A 52 16.50 -8.18 -11.92
CA GLY A 52 17.78 -8.31 -11.28
C GLY A 52 17.98 -9.74 -10.79
N SER A 53 18.85 -9.88 -9.80
CA SER A 53 19.30 -11.17 -9.31
CA SER A 53 19.21 -11.22 -9.36
C SER A 53 18.59 -11.55 -8.01
N LEU A 54 18.06 -12.77 -7.95
CA LEU A 54 17.43 -13.22 -6.71
C LEU A 54 18.47 -13.01 -5.59
N TRP A 55 18.01 -12.43 -4.50
CA TRP A 55 18.97 -11.97 -3.47
C TRP A 55 19.64 -13.19 -2.77
N ALA A 56 20.96 -13.28 -2.88
CA ALA A 56 21.77 -14.36 -2.29
C ALA A 56 22.68 -13.78 -1.22
N ASP A 57 22.82 -14.56 -0.15
CA ASP A 57 23.62 -14.16 1.00
C ASP A 57 24.33 -15.39 1.54
N ALA A 58 25.60 -15.22 1.91
CA ALA A 58 26.39 -16.35 2.33
C ALA A 58 26.02 -16.96 3.69
N ASP A 59 25.55 -16.13 4.64
CA ASP A 59 25.41 -16.59 6.04
C ASP A 59 24.03 -16.44 6.70
N ASN A 60 23.04 -15.99 5.92
CA ASN A 60 21.68 -15.85 6.45
C ASN A 60 21.54 -14.74 7.52
N GLN A 61 22.53 -13.84 7.58
CA GLN A 61 22.52 -12.64 8.39
C GLN A 61 22.55 -11.42 7.50
N PHE A 62 21.63 -10.51 7.72
CA PHE A 62 21.35 -9.42 6.78
C PHE A 62 21.43 -8.08 7.49
N PHE A 63 22.64 -7.82 8.00
CA PHE A 63 22.94 -6.61 8.78
C PHE A 63 23.74 -5.54 8.08
N ALA A 64 24.12 -5.75 6.81
CA ALA A 64 24.85 -4.73 6.08
C ALA A 64 23.91 -3.63 5.66
N SER A 65 24.43 -2.42 5.54
CA SER A 65 23.58 -1.32 5.08
CA SER A 65 23.59 -1.31 5.08
CA SER A 65 23.62 -1.31 5.05
C SER A 65 22.93 -1.67 3.74
N TYR A 66 23.69 -2.31 2.84
CA TYR A 66 23.21 -2.70 1.52
C TYR A 66 22.03 -3.68 1.64
N ASP A 67 21.97 -4.45 2.73
CA ASP A 67 20.92 -5.45 2.91
C ASP A 67 19.59 -4.84 3.32
N ALA A 68 19.63 -3.68 3.98
CA ALA A 68 18.45 -3.17 4.71
C ALA A 68 17.20 -3.03 3.85
N PRO A 69 17.32 -2.47 2.63
CA PRO A 69 16.10 -2.30 1.83
C PRO A 69 15.52 -3.65 1.41
N ALA A 70 16.39 -4.64 1.19
CA ALA A 70 15.94 -5.98 0.83
C ALA A 70 15.20 -6.64 1.99
N VAL A 71 15.77 -6.54 3.20
CA VAL A 71 15.12 -7.07 4.39
C VAL A 71 13.68 -6.56 4.52
N ASP A 72 13.51 -5.25 4.39
CA ASP A 72 12.21 -4.65 4.58
C ASP A 72 11.26 -4.96 3.41
N ALA A 73 11.74 -4.89 2.17
CA ALA A 73 10.86 -5.28 1.03
C ALA A 73 10.30 -6.70 1.23
N HIS A 74 11.18 -7.60 1.64
CA HIS A 74 10.86 -9.02 1.83
C HIS A 74 9.87 -9.19 2.99
N TYR A 75 10.22 -8.61 4.12
CA TYR A 75 9.43 -8.75 5.35
C TYR A 75 8.06 -8.11 5.21
N TYR A 76 8.01 -6.89 4.71
CA TYR A 76 6.74 -6.19 4.55
C TYR A 76 5.87 -6.78 3.47
N ALA A 77 6.47 -7.36 2.44
CA ALA A 77 5.65 -8.13 1.50
C ALA A 77 4.93 -9.29 2.20
N GLY A 78 5.64 -9.96 3.11
CA GLY A 78 5.04 -11.01 3.92
C GLY A 78 3.91 -10.52 4.80
N VAL A 79 4.13 -9.38 5.46
CA VAL A 79 3.06 -8.83 6.31
C VAL A 79 1.83 -8.51 5.47
N THR A 80 2.06 -7.91 4.31
CA THR A 80 0.96 -7.54 3.42
C THR A 80 0.19 -8.79 2.92
N TYR A 81 0.92 -9.82 2.54
CA TYR A 81 0.31 -11.10 2.24
C TYR A 81 -0.58 -11.61 3.39
N ASP A 82 -0.05 -11.55 4.62
CA ASP A 82 -0.82 -11.99 5.77
C ASP A 82 -2.06 -11.18 6.00
N TYR A 83 -1.97 -9.87 5.78
CA TYR A 83 -3.14 -9.01 5.92
C TYR A 83 -4.22 -9.49 4.96
N TYR A 84 -3.89 -9.58 3.68
CA TYR A 84 -4.92 -9.93 2.71
C TYR A 84 -5.50 -11.34 2.98
N LYS A 85 -4.64 -12.29 3.37
CA LYS A 85 -5.11 -13.64 3.65
CA LYS A 85 -5.10 -13.65 3.65
C LYS A 85 -5.96 -13.69 4.92
N ASN A 86 -5.44 -13.18 6.02
CA ASN A 86 -6.13 -13.29 7.29
C ASN A 86 -7.35 -12.38 7.43
N VAL A 87 -7.31 -11.19 6.83
CA VAL A 87 -8.37 -10.22 7.02
C VAL A 87 -9.42 -10.32 5.91
N HIS A 88 -8.99 -10.62 4.68
CA HIS A 88 -9.92 -10.65 3.53
C HIS A 88 -10.06 -11.97 2.85
N ASN A 89 -9.41 -12.99 3.39
CA ASN A 89 -9.44 -14.33 2.78
CA ASN A 89 -9.42 -14.33 2.81
C ASN A 89 -9.02 -14.27 1.31
N ARG A 90 -8.03 -13.43 1.03
CA ARG A 90 -7.45 -13.29 -0.31
C ARG A 90 -6.03 -13.85 -0.33
N LEU A 91 -5.78 -14.81 -1.23
CA LEU A 91 -4.49 -15.44 -1.36
C LEU A 91 -3.64 -14.76 -2.43
N SER A 92 -2.75 -13.92 -1.96
CA SER A 92 -1.88 -13.07 -2.77
C SER A 92 -2.68 -12.10 -3.62
N TYR A 93 -2.01 -11.43 -4.53
CA TYR A 93 -2.68 -10.33 -5.22
C TYR A 93 -3.73 -10.79 -6.24
N ASP A 94 -3.56 -11.99 -6.80
CA ASP A 94 -4.48 -12.52 -7.81
C ASP A 94 -5.54 -13.41 -7.22
N GLY A 95 -5.48 -13.65 -5.91
CA GLY A 95 -6.43 -14.54 -5.24
C GLY A 95 -6.15 -16.01 -5.41
N ASN A 96 -5.05 -16.31 -6.10
CA ASN A 96 -4.60 -17.67 -6.31
C ASN A 96 -3.12 -17.89 -6.02
N ASN A 97 -2.63 -17.16 -5.01
CA ASN A 97 -1.29 -17.35 -4.48
C ASN A 97 -0.17 -17.06 -5.49
N ALA A 98 -0.39 -16.12 -6.42
CA ALA A 98 0.71 -15.68 -7.28
C ALA A 98 1.96 -15.33 -6.47
N ALA A 99 3.11 -15.72 -7.01
CA ALA A 99 4.38 -15.30 -6.47
C ALA A 99 4.46 -13.80 -6.39
N ILE A 100 5.01 -13.33 -5.28
CA ILE A 100 5.18 -11.90 -5.05
C ILE A 100 6.64 -11.60 -5.20
N ARG A 101 6.97 -10.75 -6.16
CA ARG A 101 8.35 -10.39 -6.46
C ARG A 101 8.61 -8.91 -6.24
N SER A 102 9.74 -8.61 -5.59
CA SER A 102 10.22 -7.23 -5.38
C SER A 102 11.67 -7.07 -5.75
N SER A 103 12.03 -5.92 -6.33
CA SER A 103 13.43 -5.58 -6.53
C SER A 103 13.77 -4.33 -5.77
N VAL A 104 14.94 -4.34 -5.13
CA VAL A 104 15.46 -3.15 -4.40
C VAL A 104 16.75 -2.68 -5.06
N HIS A 105 17.26 -1.56 -4.61
CA HIS A 105 18.36 -0.89 -5.23
C HIS A 105 18.12 -0.59 -6.70
N TYR A 106 16.90 -0.16 -7.00
CA TYR A 106 16.56 0.22 -8.38
C TYR A 106 17.15 1.59 -8.71
N SER A 107 17.95 1.65 -9.76
CA SER A 107 18.55 2.86 -10.26
C SER A 107 19.44 3.54 -9.22
N GLN A 108 19.71 4.82 -9.42
CA GLN A 108 20.53 5.62 -8.49
C GLN A 108 19.78 6.87 -8.06
N GLY A 109 19.74 7.12 -6.76
CA GLY A 109 19.07 8.31 -6.25
C GLY A 109 17.59 8.37 -6.51
N TYR A 110 16.96 7.19 -6.66
CA TYR A 110 15.60 7.10 -7.17
C TYR A 110 14.59 7.25 -6.05
N ASN A 111 13.87 8.37 -6.08
CA ASN A 111 12.94 8.74 -5.02
C ASN A 111 11.54 8.25 -5.30
N ASN A 112 11.42 6.98 -5.62
CA ASN A 112 10.13 6.41 -5.94
C ASN A 112 10.10 4.89 -5.74
N ALA A 113 8.90 4.35 -5.77
CA ALA A 113 8.64 2.91 -5.74
C ALA A 113 7.48 2.71 -6.68
N PHE A 114 7.31 1.52 -7.19
CA PHE A 114 6.20 1.28 -8.12
C PHE A 114 5.90 -0.20 -8.30
N TRP A 115 4.73 -0.47 -8.86
CA TRP A 115 4.33 -1.77 -9.33
C TRP A 115 4.36 -1.66 -10.86
N ASN A 116 5.13 -2.51 -11.53
CA ASN A 116 5.37 -2.38 -12.98
C ASN A 116 4.46 -3.26 -13.84
N GLY A 117 3.39 -3.78 -13.23
CA GLY A 117 2.51 -4.76 -13.86
C GLY A 117 2.81 -6.20 -13.52
N SER A 118 4.00 -6.47 -12.95
CA SER A 118 4.47 -7.81 -12.66
C SER A 118 5.13 -7.95 -11.29
N GLN A 119 5.66 -6.87 -10.74
CA GLN A 119 6.45 -6.91 -9.51
C GLN A 119 6.52 -5.49 -8.90
N MET A 120 6.95 -5.46 -7.63
CA MET A 120 7.23 -4.21 -6.95
CA MET A 120 7.25 -4.25 -6.89
C MET A 120 8.70 -3.84 -7.10
N VAL A 121 8.94 -2.54 -7.12
CA VAL A 121 10.27 -1.99 -7.40
C VAL A 121 10.49 -0.82 -6.43
N TYR A 122 11.66 -0.80 -5.79
CA TYR A 122 11.97 0.27 -4.82
C TYR A 122 13.28 0.96 -5.09
N GLY A 123 13.24 2.27 -5.18
CA GLY A 123 14.45 3.06 -5.18
C GLY A 123 15.07 3.12 -3.79
N ASP A 124 16.29 3.64 -3.77
CA ASP A 124 16.99 3.89 -2.53
C ASP A 124 16.79 5.31 -2.01
N GLY A 125 16.19 6.17 -2.82
CA GLY A 125 16.11 7.57 -2.45
C GLY A 125 17.41 8.28 -2.65
N ASP A 126 17.38 9.59 -2.54
CA ASP A 126 18.61 10.36 -2.69
C ASP A 126 19.21 10.69 -1.31
N GLY A 127 18.58 10.23 -0.23
CA GLY A 127 19.00 10.52 1.14
C GLY A 127 18.50 11.83 1.70
N GLN A 128 17.77 12.60 0.88
CA GLN A 128 17.24 13.93 1.27
CA GLN A 128 17.24 13.89 1.32
C GLN A 128 15.72 13.92 1.25
N THR A 129 15.14 13.64 0.09
CA THR A 129 13.70 13.48 -0.04
C THR A 129 13.24 12.12 0.50
N PHE A 130 14.01 11.06 0.20
CA PHE A 130 13.66 9.73 0.68
C PHE A 130 14.90 8.97 1.06
N ILE A 131 14.70 8.05 2.00
CA ILE A 131 15.63 6.93 2.25
C ILE A 131 14.97 5.71 1.57
N PRO A 132 15.63 4.54 1.60
CA PRO A 132 15.11 3.47 0.71
C PRO A 132 13.65 3.15 0.95
N LEU A 133 12.87 3.08 -0.12
CA LEU A 133 11.43 3.25 0.00
C LEU A 133 10.72 2.05 0.60
N SER A 134 11.38 0.87 0.55
CA SER A 134 10.82 -0.32 1.19
C SER A 134 10.84 -0.23 2.73
N GLY A 135 11.51 0.79 3.28
CA GLY A 135 11.42 1.06 4.73
C GLY A 135 10.05 1.41 5.27
N GLY A 136 9.12 1.75 4.40
CA GLY A 136 7.78 2.11 4.79
C GLY A 136 6.80 0.98 4.51
N ILE A 137 6.20 0.40 5.55
CA ILE A 137 5.25 -0.69 5.34
C ILE A 137 4.06 -0.17 4.54
N ASP A 138 3.63 1.07 4.80
CA ASP A 138 2.54 1.65 4.00
C ASP A 138 2.93 1.78 2.53
N VAL A 139 4.20 2.02 2.24
CA VAL A 139 4.66 2.10 0.87
C VAL A 139 4.59 0.70 0.21
N VAL A 140 5.16 -0.30 0.89
CA VAL A 140 5.16 -1.65 0.39
C VAL A 140 3.70 -2.10 0.13
N ALA A 141 2.81 -1.90 1.11
CA ALA A 141 1.44 -2.36 0.95
C ALA A 141 0.67 -1.53 -0.13
N HIS A 142 1.00 -0.25 -0.25
CA HIS A 142 0.47 0.62 -1.34
C HIS A 142 0.79 -0.05 -2.69
N GLU A 143 2.05 -0.45 -2.87
CA GLU A 143 2.47 -1.01 -4.14
C GLU A 143 1.82 -2.37 -4.38
N LEU A 144 1.82 -3.27 -3.37
CA LEU A 144 1.17 -4.56 -3.59
C LEU A 144 -0.33 -4.41 -3.87
N THR A 145 -0.94 -3.39 -3.26
CA THR A 145 -2.32 -3.11 -3.52
C THR A 145 -2.62 -2.68 -4.97
N HIS A 146 -1.67 -2.03 -5.64
CA HIS A 146 -1.83 -1.80 -7.07
C HIS A 146 -2.04 -3.11 -7.81
N ALA A 147 -1.31 -4.15 -7.41
CA ALA A 147 -1.44 -5.46 -8.03
C ALA A 147 -2.82 -6.03 -7.78
N VAL A 148 -3.31 -5.92 -6.55
CA VAL A 148 -4.65 -6.33 -6.20
C VAL A 148 -5.69 -5.61 -7.05
N THR A 149 -5.59 -4.29 -7.14
CA THR A 149 -6.51 -3.51 -7.96
C THR A 149 -6.47 -3.97 -9.41
N ASP A 150 -5.27 -4.17 -9.94
CA ASP A 150 -5.13 -4.53 -11.35
C ASP A 150 -5.81 -5.86 -11.66
N TYR A 151 -5.86 -6.75 -10.67
N TYR A 151 -5.84 -6.77 -10.68
CA TYR A 151 -6.46 -8.03 -10.85
CA TYR A 151 -6.49 -8.07 -10.85
C TYR A 151 -7.96 -8.06 -10.58
C TYR A 151 -7.99 -8.08 -10.54
N THR A 152 -8.48 -7.02 -9.94
CA THR A 152 -9.87 -6.97 -9.51
C THR A 152 -10.61 -5.88 -10.29
N ALA A 153 -10.77 -4.70 -9.70
CA ALA A 153 -11.49 -3.63 -10.35
C ALA A 153 -10.85 -3.17 -11.65
N GLY A 154 -9.52 -3.15 -11.68
CA GLY A 154 -8.80 -2.78 -12.88
C GLY A 154 -8.91 -1.31 -13.26
N LEU A 155 -9.10 -0.49 -12.25
CA LEU A 155 -9.26 0.96 -12.40
C LEU A 155 -8.17 1.53 -13.28
N ILE A 156 -8.61 2.16 -14.37
CA ILE A 156 -7.69 2.75 -15.36
C ILE A 156 -6.95 3.91 -14.67
N TYR A 157 -5.66 4.02 -14.94
CA TYR A 157 -4.81 4.94 -14.17
C TYR A 157 -4.81 6.34 -14.77
N GLN A 158 -5.98 6.94 -14.79
CA GLN A 158 -6.18 8.27 -15.35
CA GLN A 158 -6.11 8.33 -15.20
C GLN A 158 -7.43 8.87 -14.72
N ASN A 159 -7.42 10.19 -14.50
CA ASN A 159 -8.61 10.91 -14.07
C ASN A 159 -9.24 10.27 -12.82
N GLU A 160 -10.57 10.20 -12.72
CA GLU A 160 -11.19 9.77 -11.47
C GLU A 160 -10.94 8.31 -11.17
N SER A 161 -11.00 7.44 -12.18
CA SER A 161 -10.72 6.03 -11.91
C SER A 161 -9.28 5.86 -11.36
N GLY A 162 -8.38 6.67 -11.87
CA GLY A 162 -6.98 6.62 -11.45
C GLY A 162 -6.80 7.14 -10.03
N ALA A 163 -7.54 8.19 -9.67
CA ALA A 163 -7.50 8.71 -8.29
C ALA A 163 -8.13 7.70 -7.31
N ILE A 164 -9.13 6.93 -7.74
CA ILE A 164 -9.66 5.84 -6.90
C ILE A 164 -8.60 4.74 -6.75
N ASN A 165 -7.95 4.39 -7.85
CA ASN A 165 -6.85 3.41 -7.85
C ASN A 165 -5.82 3.83 -6.79
N GLU A 166 -5.39 5.08 -6.83
CA GLU A 166 -4.43 5.57 -5.85
C GLU A 166 -4.95 5.57 -4.42
N ALA A 167 -6.19 6.01 -4.22
CA ALA A 167 -6.77 6.05 -2.88
C ALA A 167 -6.89 4.64 -2.31
N ILE A 168 -7.22 3.67 -3.16
CA ILE A 168 -7.35 2.28 -2.70
C ILE A 168 -5.98 1.79 -2.17
N SER A 169 -4.93 2.11 -2.89
CA SER A 169 -3.57 1.78 -2.43
C SER A 169 -3.18 2.52 -1.13
N ASP A 170 -3.58 3.77 -0.98
CA ASP A 170 -3.30 4.50 0.29
C ASP A 170 -4.12 3.92 1.45
N ILE A 171 -5.37 3.61 1.18
CA ILE A 171 -6.25 3.05 2.18
C ILE A 171 -5.72 1.72 2.67
N PHE A 172 -5.47 0.79 1.77
CA PHE A 172 -4.99 -0.53 2.19
C PHE A 172 -3.54 -0.45 2.67
N GLY A 173 -2.75 0.48 2.16
CA GLY A 173 -1.40 0.64 2.74
C GLY A 173 -1.49 1.03 4.19
N THR A 174 -2.42 1.92 4.51
CA THR A 174 -2.64 2.35 5.88
C THR A 174 -3.24 1.22 6.73
N LEU A 175 -4.21 0.48 6.20
CA LEU A 175 -4.78 -0.61 6.98
C LEU A 175 -3.76 -1.71 7.26
N VAL A 176 -2.85 -1.95 6.32
CA VAL A 176 -1.74 -2.90 6.57
C VAL A 176 -0.82 -2.37 7.69
N GLU A 177 -0.54 -1.06 7.63
CA GLU A 177 0.27 -0.44 8.66
C GLU A 177 -0.38 -0.62 10.04
N PHE A 178 -1.70 -0.45 10.13
CA PHE A 178 -2.43 -0.70 11.39
C PHE A 178 -2.42 -2.17 11.80
N TYR A 179 -2.49 -3.06 10.81
CA TYR A 179 -2.41 -4.49 11.08
C TYR A 179 -1.09 -4.87 11.75
N ALA A 180 0.01 -4.36 11.22
CA ALA A 180 1.35 -4.63 11.75
C ALA A 180 1.55 -3.96 13.12
N ASN A 181 0.84 -2.85 13.32
CA ASN A 181 0.70 -2.17 14.61
C ASN A 181 1.99 -1.63 15.21
N LYS A 182 2.85 -1.08 14.35
CA LYS A 182 4.04 -0.32 14.77
C LYS A 182 3.94 1.14 14.35
N ASN A 183 3.68 2.01 15.32
CA ASN A 183 3.52 3.45 15.05
C ASN A 183 2.52 3.74 13.94
N PRO A 184 1.34 3.10 13.94
CA PRO A 184 0.46 3.33 12.80
C PRO A 184 -0.18 4.70 12.83
N ASP A 185 -0.48 5.21 11.63
CA ASP A 185 -1.08 6.49 11.46
C ASP A 185 -1.86 6.52 10.15
N TRP A 186 -2.45 7.68 9.88
CA TRP A 186 -3.23 7.94 8.66
C TRP A 186 -2.46 8.80 7.65
N GLU A 187 -1.15 8.74 7.74
CA GLU A 187 -0.26 9.50 6.84
C GLU A 187 0.45 8.49 5.95
N ILE A 188 0.93 8.94 4.80
CA ILE A 188 1.48 8.02 3.80
C ILE A 188 2.94 8.33 3.55
N GLY A 189 3.80 7.37 3.91
CA GLY A 189 5.22 7.37 3.58
C GLY A 189 6.11 8.06 4.59
N GLU A 190 5.54 8.36 5.77
CA GLU A 190 6.29 9.09 6.81
C GLU A 190 7.60 8.43 7.26
N ASP A 191 7.68 7.10 7.21
CA ASP A 191 8.86 6.41 7.75
C ASP A 191 10.11 6.60 6.88
N VAL A 192 9.94 6.90 5.61
CA VAL A 192 11.03 6.98 4.66
C VAL A 192 11.18 8.37 4.02
N TYR A 193 10.34 9.31 4.42
CA TYR A 193 10.30 10.61 3.80
C TYR A 193 11.13 11.55 4.64
N THR A 194 11.93 12.35 3.94
CA THR A 194 12.69 13.46 4.52
C THR A 194 13.31 13.15 5.87
N PRO A 195 14.41 12.37 5.87
CA PRO A 195 15.00 11.98 7.15
C PRO A 195 15.41 13.21 7.98
N GLY A 196 15.68 14.34 7.32
CA GLY A 196 16.00 15.59 8.02
C GLY A 196 14.84 16.39 8.64
N ILE A 197 13.60 16.01 8.34
CA ILE A 197 12.40 16.71 8.85
C ILE A 197 11.50 15.74 9.63
N SER A 198 11.22 16.08 10.89
CA SER A 198 10.31 15.32 11.75
C SER A 198 8.82 15.53 11.42
N GLY A 199 8.05 14.44 11.48
CA GLY A 199 6.59 14.50 11.53
C GLY A 199 5.83 14.75 10.25
N ASP A 200 6.53 14.76 9.11
CA ASP A 200 5.89 15.03 7.83
C ASP A 200 5.74 13.72 7.04
N SER A 201 5.06 13.81 5.90
CA SER A 201 4.85 12.67 5.05
C SER A 201 4.60 13.19 3.67
N LEU A 202 4.45 12.27 2.73
CA LEU A 202 4.15 12.63 1.35
C LEU A 202 2.68 13.00 1.14
N ARG A 203 1.77 12.22 1.75
CA ARG A 203 0.33 12.49 1.71
C ARG A 203 -0.27 12.28 3.09
N SER A 204 -1.44 12.85 3.32
CA SER A 204 -2.18 12.62 4.54
C SER A 204 -3.61 12.25 4.21
N MET A 205 -4.10 11.18 4.82
CA MET A 205 -5.50 10.79 4.72
C MET A 205 -6.38 11.61 5.63
N SER A 206 -5.85 11.93 6.81
CA SER A 206 -6.59 12.65 7.85
C SER A 206 -6.77 14.10 7.44
N ASP A 207 -5.79 14.69 6.75
CA ASP A 207 -5.86 16.07 6.31
C ASP A 207 -5.11 16.23 5.02
N PRO A 208 -5.71 15.77 3.92
CA PRO A 208 -4.96 15.84 2.65
C PRO A 208 -4.40 17.24 2.32
N ALA A 209 -5.14 18.26 2.71
CA ALA A 209 -4.76 19.64 2.44
C ALA A 209 -3.42 20.03 3.07
N LYS A 210 -2.98 19.29 4.08
CA LYS A 210 -1.69 19.53 4.72
CA LYS A 210 -1.68 19.57 4.70
C LYS A 210 -0.57 19.57 3.65
N TYR A 211 -0.71 18.71 2.64
CA TYR A 211 0.29 18.64 1.56
C TYR A 211 -0.29 19.07 0.22
N GLY A 212 -1.32 19.92 0.29
CA GLY A 212 -1.88 20.56 -0.88
C GLY A 212 -2.92 19.80 -1.63
N ASP A 213 -3.22 18.58 -1.19
CA ASP A 213 -4.21 17.79 -1.92
C ASP A 213 -5.63 18.14 -1.52
N PRO A 214 -6.57 18.04 -2.48
CA PRO A 214 -7.95 18.37 -2.20
C PRO A 214 -8.61 17.47 -1.18
N ASP A 215 -9.48 18.06 -0.36
CA ASP A 215 -10.27 17.31 0.61
C ASP A 215 -11.80 17.51 0.39
N HIS A 216 -12.12 17.97 -0.81
CA HIS A 216 -13.49 18.22 -1.23
C HIS A 216 -13.51 18.22 -2.76
N TYR A 217 -14.56 17.63 -3.33
CA TYR A 217 -14.67 17.50 -4.77
C TYR A 217 -14.62 18.85 -5.46
N SER A 218 -15.11 19.91 -4.82
CA SER A 218 -15.05 21.25 -5.39
C SER A 218 -13.63 21.74 -5.68
N LYS A 219 -12.65 21.13 -4.99
CA LYS A 219 -11.24 21.50 -5.10
C LYS A 219 -10.47 20.55 -5.99
N ARG A 220 -11.18 19.66 -6.70
CA ARG A 220 -10.51 18.65 -7.53
C ARG A 220 -9.68 19.32 -8.63
N TYR A 221 -8.54 18.70 -8.92
CA TYR A 221 -7.69 19.10 -10.02
C TYR A 221 -8.28 18.56 -11.32
N THR A 222 -8.40 19.43 -12.31
CA THR A 222 -9.07 19.13 -13.57
C THR A 222 -8.11 19.13 -14.77
N GLY A 223 -6.83 19.40 -14.52
CA GLY A 223 -5.83 19.46 -15.58
C GLY A 223 -5.28 18.12 -16.02
N THR A 224 -4.16 18.20 -16.71
CA THR A 224 -3.55 17.09 -17.44
C THR A 224 -2.35 16.41 -16.73
N GLN A 225 -1.71 17.12 -15.81
CA GLN A 225 -0.56 16.64 -15.07
C GLN A 225 -0.96 15.42 -14.25
N ASP A 226 0.05 14.58 -13.98
CA ASP A 226 -0.07 13.43 -13.10
C ASP A 226 -1.25 12.57 -13.55
N ASN A 227 -1.33 12.31 -14.86
CA ASN A 227 -2.41 11.46 -15.38
C ASN A 227 -3.81 11.95 -15.01
N GLY A 228 -3.97 13.28 -15.03
CA GLY A 228 -5.22 13.89 -14.61
C GLY A 228 -5.40 13.90 -13.10
N GLY A 229 -4.29 14.08 -12.38
CA GLY A 229 -4.32 14.24 -10.92
C GLY A 229 -4.54 13.01 -10.08
N VAL A 230 -4.04 11.85 -10.52
CA VAL A 230 -4.30 10.63 -9.76
C VAL A 230 -3.76 10.65 -8.34
N HIS A 231 -2.62 11.29 -8.10
CA HIS A 231 -2.07 11.39 -6.75
C HIS A 231 -2.51 12.62 -5.99
N ILE A 232 -3.31 13.45 -6.66
CA ILE A 232 -3.84 14.71 -6.14
C ILE A 232 -5.28 14.49 -5.68
N ASN A 233 -6.14 14.11 -6.62
CA ASN A 233 -7.52 13.87 -6.32
C ASN A 233 -7.81 12.65 -5.46
N SER A 234 -6.80 11.80 -5.27
CA SER A 234 -6.90 10.69 -4.31
C SER A 234 -7.24 11.24 -2.92
N GLY A 235 -6.83 12.47 -2.64
CA GLY A 235 -7.10 13.12 -1.37
C GLY A 235 -8.58 13.14 -1.01
N ILE A 236 -9.42 13.30 -2.01
CA ILE A 236 -10.86 13.40 -1.79
C ILE A 236 -11.40 12.07 -1.25
N ILE A 237 -10.93 10.99 -1.85
CA ILE A 237 -11.36 9.67 -1.45
C ILE A 237 -10.70 9.23 -0.15
N ASN A 238 -9.41 9.55 -0.01
CA ASN A 238 -8.71 9.27 1.22
C ASN A 238 -9.41 9.92 2.40
N LYS A 239 -9.81 11.19 2.23
CA LYS A 239 -10.53 11.90 3.29
C LYS A 239 -11.86 11.20 3.61
N ALA A 240 -12.60 10.80 2.58
CA ALA A 240 -13.85 10.04 2.83
C ALA A 240 -13.61 8.75 3.61
N ALA A 241 -12.57 8.02 3.24
CA ALA A 241 -12.21 6.78 3.93
C ALA A 241 -11.82 7.06 5.39
N TYR A 242 -10.99 8.06 5.61
CA TYR A 242 -10.66 8.47 6.96
C TYR A 242 -11.92 8.77 7.76
N LEU A 243 -12.84 9.55 7.19
CA LEU A 243 -14.08 9.90 7.88
C LEU A 243 -14.94 8.69 8.21
N ILE A 244 -15.08 7.78 7.27
CA ILE A 244 -15.86 6.57 7.51
C ILE A 244 -15.29 5.81 8.72
N SER A 245 -13.96 5.68 8.79
CA SER A 245 -13.32 4.97 9.89
C SER A 245 -13.34 5.73 11.22
N GLN A 246 -12.88 6.96 11.19
CA GLN A 246 -12.61 7.72 12.41
C GLN A 246 -13.68 8.72 12.81
N GLY A 247 -14.55 9.07 11.88
CA GLY A 247 -15.51 10.12 12.10
C GLY A 247 -14.92 11.51 12.08
N GLY A 248 -15.84 12.47 12.12
CA GLY A 248 -15.52 13.89 12.11
C GLY A 248 -16.57 14.75 11.46
N THR A 249 -16.44 16.06 11.63
CA THR A 249 -17.26 17.02 10.92
C THR A 249 -16.37 17.76 9.97
N HIS A 250 -16.70 17.70 8.70
CA HIS A 250 -15.86 18.22 7.65
C HIS A 250 -16.79 19.02 6.74
N TYR A 251 -16.43 20.28 6.52
N TYR A 251 -16.44 20.28 6.51
CA TYR A 251 -17.27 21.26 5.80
CA TYR A 251 -17.30 21.19 5.78
C TYR A 251 -18.71 21.32 6.32
C TYR A 251 -18.73 21.13 6.30
N GLY A 252 -18.85 21.12 7.62
CA GLY A 252 -20.15 21.17 8.26
C GLY A 252 -20.93 19.88 8.28
N VAL A 253 -20.42 18.80 7.64
CA VAL A 253 -21.11 17.52 7.56
C VAL A 253 -20.49 16.56 8.55
N SER A 254 -21.31 16.04 9.46
CA SER A 254 -20.87 15.17 10.55
C SER A 254 -20.94 13.70 10.17
N VAL A 255 -19.88 12.98 10.47
CA VAL A 255 -19.79 11.56 10.14
C VAL A 255 -19.51 10.78 11.43
N VAL A 256 -20.31 9.78 11.73
CA VAL A 256 -20.04 8.87 12.83
C VAL A 256 -19.10 7.75 12.33
N GLY A 257 -17.92 7.68 12.93
CA GLY A 257 -16.93 6.69 12.59
C GLY A 257 -17.36 5.28 12.96
N ILE A 258 -17.04 4.35 12.08
CA ILE A 258 -17.37 2.96 12.26
C ILE A 258 -16.14 2.06 12.46
N GLY A 259 -14.95 2.68 12.41
CA GLY A 259 -13.68 1.99 12.68
C GLY A 259 -13.01 1.37 11.45
N ARG A 260 -11.74 1.08 11.59
CA ARG A 260 -10.94 0.69 10.44
C ARG A 260 -11.27 -0.70 9.91
N ASP A 261 -11.64 -1.65 10.75
CA ASP A 261 -11.97 -2.97 10.25
CA ASP A 261 -12.00 -2.99 10.25
C ASP A 261 -13.17 -2.91 9.29
N LYS A 262 -14.22 -2.19 9.66
CA LYS A 262 -15.39 -2.03 8.79
C LYS A 262 -15.10 -1.22 7.54
N LEU A 263 -14.28 -0.16 7.68
CA LEU A 263 -13.78 0.53 6.50
C LEU A 263 -13.13 -0.47 5.52
N GLY A 264 -12.23 -1.32 6.01
CA GLY A 264 -11.53 -2.27 5.14
C GLY A 264 -12.51 -3.25 4.52
N LYS A 265 -13.51 -3.69 5.27
CA LYS A 265 -14.46 -4.66 4.73
C LYS A 265 -15.29 -4.02 3.61
N ILE A 266 -15.76 -2.80 3.85
CA ILE A 266 -16.57 -2.09 2.89
C ILE A 266 -15.79 -1.81 1.61
N PHE A 267 -14.58 -1.29 1.76
CA PHE A 267 -13.80 -0.95 0.57
C PHE A 267 -13.27 -2.20 -0.16
N TYR A 268 -12.93 -3.27 0.58
CA TYR A 268 -12.45 -4.49 -0.04
C TYR A 268 -13.59 -5.06 -0.89
N ARG A 269 -14.79 -5.11 -0.30
CA ARG A 269 -15.96 -5.58 -1.08
C ARG A 269 -16.27 -4.70 -2.29
N ALA A 270 -16.20 -3.38 -2.13
CA ALA A 270 -16.46 -2.48 -3.28
C ALA A 270 -15.45 -2.76 -4.39
N LEU A 271 -14.18 -2.86 -4.02
CA LEU A 271 -13.08 -3.09 -4.95
C LEU A 271 -13.23 -4.38 -5.73
N THR A 272 -13.64 -5.43 -5.04
CA THR A 272 -13.65 -6.77 -5.62
C THR A 272 -14.99 -7.21 -6.23
N GLN A 273 -16.09 -6.47 -5.96
CA GLN A 273 -17.40 -6.84 -6.50
CA GLN A 273 -17.43 -6.83 -6.47
C GLN A 273 -18.06 -5.78 -7.38
N TYR A 274 -17.83 -4.50 -7.08
CA TYR A 274 -18.61 -3.44 -7.70
C TYR A 274 -17.86 -2.46 -8.59
N LEU A 275 -16.62 -2.15 -8.28
CA LEU A 275 -15.88 -1.23 -9.11
C LEU A 275 -15.46 -1.87 -10.43
N THR A 276 -15.27 -1.01 -11.43
CA THR A 276 -14.89 -1.45 -12.77
C THR A 276 -13.75 -0.56 -13.27
N PRO A 277 -13.18 -0.87 -14.45
CA PRO A 277 -12.02 -0.10 -14.89
C PRO A 277 -12.32 1.40 -15.07
N THR A 278 -13.58 1.75 -15.32
CA THR A 278 -13.92 3.14 -15.59
C THR A 278 -14.71 3.81 -14.46
N SER A 279 -14.79 3.20 -13.28
CA SER A 279 -15.53 3.80 -12.18
C SER A 279 -15.06 5.22 -11.88
N ASN A 280 -16.02 6.12 -11.74
CA ASN A 280 -15.76 7.46 -11.25
C ASN A 280 -16.13 7.61 -9.77
N PHE A 281 -15.90 8.80 -9.21
CA PHE A 281 -16.11 8.98 -7.76
C PHE A 281 -17.57 8.69 -7.34
N SER A 282 -18.51 9.19 -8.14
CA SER A 282 -19.91 8.93 -7.85
C SER A 282 -20.20 7.41 -7.84
N GLN A 283 -19.60 6.67 -8.77
CA GLN A 283 -19.77 5.22 -8.82
C GLN A 283 -19.09 4.54 -7.64
N LEU A 284 -17.97 5.08 -7.18
CA LEU A 284 -17.34 4.59 -5.96
C LEU A 284 -18.29 4.77 -4.76
N ARG A 285 -18.94 5.93 -4.67
CA ARG A 285 -19.91 6.14 -3.59
C ARG A 285 -20.98 5.05 -3.64
N ALA A 286 -21.57 4.84 -4.82
CA ALA A 286 -22.58 3.80 -4.98
C ALA A 286 -22.08 2.40 -4.63
N ALA A 287 -20.87 2.06 -5.07
CA ALA A 287 -20.25 0.78 -4.76
C ALA A 287 -20.07 0.61 -3.24
N ALA A 288 -19.55 1.64 -2.58
CA ALA A 288 -19.38 1.61 -1.13
C ALA A 288 -20.70 1.49 -0.37
N VAL A 289 -21.72 2.22 -0.83
CA VAL A 289 -23.02 2.14 -0.19
C VAL A 289 -23.57 0.72 -0.34
N GLN A 290 -23.46 0.16 -1.54
CA GLN A 290 -23.96 -1.21 -1.80
C GLN A 290 -23.19 -2.24 -0.97
N SER A 291 -21.88 -2.09 -0.88
CA SER A 291 -21.06 -3.03 -0.10
C SER A 291 -21.45 -2.97 1.39
N ALA A 292 -21.59 -1.77 1.92
CA ALA A 292 -22.02 -1.62 3.33
C ALA A 292 -23.43 -2.20 3.56
N THR A 293 -24.30 -2.02 2.57
CA THR A 293 -25.66 -2.57 2.68
C THR A 293 -25.60 -4.12 2.70
N ASP A 294 -24.80 -4.70 1.80
CA ASP A 294 -24.61 -6.16 1.74
C ASP A 294 -24.12 -6.69 3.10
N LEU A 295 -23.19 -5.99 3.72
CA LEU A 295 -22.52 -6.46 4.95
C LEU A 295 -23.29 -6.20 6.24
N TYR A 296 -23.97 -5.06 6.31
CA TYR A 296 -24.55 -4.56 7.56
C TYR A 296 -26.04 -4.24 7.51
N GLY A 297 -26.59 -4.10 6.30
CA GLY A 297 -28.01 -3.89 6.08
C GLY A 297 -28.29 -2.44 5.72
N SER A 298 -29.32 -2.25 4.91
CA SER A 298 -29.63 -0.94 4.37
C SER A 298 -29.94 0.15 5.41
N THR A 299 -30.42 -0.24 6.59
CA THR A 299 -30.79 0.74 7.63
C THR A 299 -29.68 0.93 8.66
N SER A 300 -28.52 0.39 8.35
CA SER A 300 -27.44 0.36 9.30
C SER A 300 -26.75 1.73 9.45
N GLN A 301 -26.07 1.88 10.56
CA GLN A 301 -25.21 3.00 10.78
C GLN A 301 -24.07 3.02 9.78
N GLU A 302 -23.60 1.82 9.39
CA GLU A 302 -22.46 1.72 8.51
C GLU A 302 -22.80 2.36 7.20
N VAL A 303 -23.96 2.00 6.64
CA VAL A 303 -24.44 2.64 5.42
C VAL A 303 -24.64 4.17 5.59
N ALA A 304 -25.27 4.58 6.68
CA ALA A 304 -25.42 5.99 6.98
C ALA A 304 -24.11 6.76 6.98
N SER A 305 -23.10 6.17 7.60
CA SER A 305 -21.78 6.81 7.70
C SER A 305 -21.07 6.88 6.35
N VAL A 306 -21.18 5.83 5.52
CA VAL A 306 -20.62 5.89 4.18
C VAL A 306 -21.26 7.08 3.43
N LYS A 307 -22.59 7.23 3.53
CA LYS A 307 -23.25 8.37 2.86
C LYS A 307 -22.79 9.72 3.38
N GLN A 308 -22.71 9.86 4.70
CA GLN A 308 -22.26 11.11 5.30
C GLN A 308 -20.84 11.46 4.87
N ALA A 309 -19.94 10.47 4.83
CA ALA A 309 -18.54 10.69 4.47
C ALA A 309 -18.43 11.19 3.04
N PHE A 310 -19.13 10.54 2.09
CA PHE A 310 -19.14 11.03 0.72
C PHE A 310 -19.82 12.40 0.57
N ASP A 311 -20.91 12.65 1.29
CA ASP A 311 -21.47 14.03 1.36
C ASP A 311 -20.42 15.05 1.82
N ALA A 312 -19.68 14.72 2.88
CA ALA A 312 -18.71 15.62 3.48
C ALA A 312 -17.62 16.05 2.49
N VAL A 313 -17.24 15.13 1.58
CA VAL A 313 -16.27 15.46 0.54
C VAL A 313 -16.88 15.91 -0.77
N GLY A 314 -18.20 16.04 -0.80
CA GLY A 314 -18.86 16.64 -1.96
C GLY A 314 -19.09 15.67 -3.12
N VAL A 315 -19.10 14.36 -2.81
CA VAL A 315 -19.26 13.34 -3.84
C VAL A 315 -20.64 12.73 -3.71
N LYS A 316 -21.47 12.97 -4.73
CA LYS A 316 -22.85 12.52 -4.72
C LYS A 316 -22.98 11.32 -5.62
#